data_7R4A
#
_entry.id   7R4A
#
_cell.length_a   45.460
_cell.length_b   68.740
_cell.length_c   159.230
_cell.angle_alpha   90.000
_cell.angle_beta   90.000
_cell.angle_gamma   90.000
#
_symmetry.space_group_name_H-M   'P 21 21 21'
#
loop_
_entity.id
_entity.type
_entity.pdbx_description
1 polymer 'Protein mono-ADP-ribosyltransferase PARP15'
2 non-polymer 6,8-dimethyl-[1,2,4]triazolo[3,4-b][1,3]benzothiazole
3 non-polymer 'DIMETHYL SULFOXIDE'
4 water water
#
_entity_poly.entity_id   1
_entity_poly.type   'polypeptide(L)'
_entity_poly.pdbx_seq_one_letter_code
;MHHHHHHSSGVDLGTENLYFQSMNLPEHWTDMNHQLFCMVQLEPGQSEYNTIKDKFTRTCSSYAIEKIERIQNAFLWQSY
QVKKRQMDIKNDHKNNERLLFHGTDADSVPYVNQHGFNRSCAGKNAVSYGKGTYFAVDASYSAKDTYSKPDSNGRKHMYV
VRVLTGVFTKGRAGLVTPPPKNPHNPTDLFDSVTNNTRSPKLFVVFFDNQAYPEYLITFTA
;
_entity_poly.pdbx_strand_id   A,B
#
loop_
_chem_comp.id
_chem_comp.type
_chem_comp.name
_chem_comp.formula
DMS non-polymer 'DIMETHYL SULFOXIDE' 'C2 H6 O S'
I1B non-polymer 6,8-dimethyl-[1,2,4]triazolo[3,4-b][1,3]benzothiazole 'C10 H9 N3 S'
#
# COMPACT_ATOMS: atom_id res chain seq x y z
N ASN A 24 -4.25 -5.76 -19.34
CA ASN A 24 -5.42 -5.18 -20.05
C ASN A 24 -6.69 -5.27 -19.19
N LEU A 25 -7.68 -4.42 -19.50
CA LEU A 25 -8.89 -4.13 -18.68
C LEU A 25 -9.98 -5.15 -18.98
N PRO A 26 -10.62 -5.75 -17.96
CA PRO A 26 -11.51 -6.91 -18.14
C PRO A 26 -12.58 -6.75 -19.22
N GLU A 27 -13.04 -7.87 -19.78
CA GLU A 27 -13.86 -7.91 -21.03
C GLU A 27 -15.24 -7.31 -20.76
N HIS A 28 -15.83 -7.59 -19.59
CA HIS A 28 -17.18 -7.15 -19.16
C HIS A 28 -17.20 -5.64 -18.86
N TRP A 29 -16.06 -4.97 -18.79
CA TRP A 29 -16.08 -3.49 -18.61
C TRP A 29 -16.71 -2.85 -19.85
N THR A 30 -17.22 -1.63 -19.73
CA THR A 30 -17.72 -0.87 -20.89
C THR A 30 -16.69 0.22 -21.21
N ASP A 31 -16.71 0.68 -22.46
CA ASP A 31 -15.82 1.71 -23.03
C ASP A 31 -15.74 2.94 -22.10
N MET A 32 -14.56 3.47 -21.86
CA MET A 32 -14.40 4.66 -20.99
C MET A 32 -13.85 5.85 -21.78
N ASN A 33 -14.07 5.87 -23.09
CA ASN A 33 -13.65 7.00 -23.96
C ASN A 33 -12.30 7.53 -23.45
N HIS A 34 -11.31 6.65 -23.34
CA HIS A 34 -9.89 6.98 -23.01
C HIS A 34 -9.73 7.49 -21.56
N GLN A 35 -10.76 7.42 -20.72
CA GLN A 35 -10.67 7.79 -19.27
C GLN A 35 -10.24 6.55 -18.48
N LEU A 36 -9.78 6.76 -17.25
CA LEU A 36 -9.17 5.71 -16.40
C LEU A 36 -10.11 5.35 -15.25
N PHE A 37 -11.17 6.12 -15.05
CA PHE A 37 -12.15 5.95 -13.93
C PHE A 37 -13.58 6.19 -14.40
N CYS A 38 -14.47 5.26 -14.06
CA CYS A 38 -15.92 5.38 -14.31
C CYS A 38 -16.71 4.49 -13.34
N MET A 39 -17.80 5.03 -12.76
CA MET A 39 -18.86 4.27 -12.02
C MET A 39 -19.99 3.98 -13.01
N VAL A 40 -20.25 2.72 -13.34
CA VAL A 40 -21.23 2.37 -14.43
C VAL A 40 -22.40 1.66 -13.78
N GLN A 41 -23.60 2.26 -13.87
CA GLN A 41 -24.83 1.67 -13.32
C GLN A 41 -25.20 0.46 -14.17
N LEU A 42 -25.54 -0.67 -13.53
CA LEU A 42 -25.96 -1.93 -14.19
C LEU A 42 -27.44 -1.87 -14.56
N GLU A 43 -27.83 -2.53 -15.65
CA GLU A 43 -29.27 -2.65 -16.04
C GLU A 43 -29.88 -3.79 -15.23
N PRO A 44 -30.95 -3.54 -14.43
CA PRO A 44 -31.65 -4.63 -13.76
C PRO A 44 -32.10 -5.69 -14.76
N GLY A 45 -32.01 -6.97 -14.38
CA GLY A 45 -32.53 -8.10 -15.16
C GLY A 45 -31.51 -8.64 -16.15
N GLN A 46 -30.45 -7.90 -16.45
CA GLN A 46 -29.31 -8.47 -17.21
C GLN A 46 -28.43 -9.24 -16.24
N SER A 47 -27.70 -10.19 -16.81
CA SER A 47 -26.94 -11.28 -16.16
C SER A 47 -26.02 -10.73 -15.05
N GLU A 48 -25.30 -9.65 -15.34
CA GLU A 48 -24.28 -9.14 -14.39
C GLU A 48 -25.02 -8.72 -13.11
N TYR A 49 -26.03 -7.85 -13.28
CA TYR A 49 -26.91 -7.32 -12.21
C TYR A 49 -27.46 -8.53 -11.42
N ASN A 50 -28.06 -9.51 -12.10
CA ASN A 50 -28.72 -10.67 -11.42
C ASN A 50 -27.70 -11.40 -10.54
N THR A 51 -26.46 -11.56 -11.02
CA THR A 51 -25.40 -12.33 -10.33
C THR A 51 -25.06 -11.62 -9.03
N ILE A 52 -24.81 -10.32 -9.11
CA ILE A 52 -24.42 -9.53 -7.90
C ILE A 52 -25.62 -9.46 -6.96
N LYS A 53 -26.81 -9.19 -7.51
CA LYS A 53 -28.05 -9.08 -6.70
C LYS A 53 -28.23 -10.36 -5.89
N ASP A 54 -27.99 -11.53 -6.49
CA ASP A 54 -28.19 -12.84 -5.83
C ASP A 54 -27.21 -12.97 -4.66
N LYS A 55 -25.96 -12.54 -4.82
CA LYS A 55 -24.93 -12.62 -3.73
C LYS A 55 -25.40 -11.84 -2.50
N PHE A 56 -25.98 -10.66 -2.73
CA PHE A 56 -26.55 -9.76 -1.70
C PHE A 56 -27.81 -10.35 -1.05
N THR A 57 -28.78 -10.78 -1.86
CA THR A 57 -30.09 -11.28 -1.36
C THR A 57 -29.95 -12.64 -0.67
N ARG A 58 -28.85 -13.35 -0.82
CA ARG A 58 -28.57 -14.63 -0.09
C ARG A 58 -28.79 -14.39 1.42
N THR A 59 -28.41 -13.23 1.96
CA THR A 59 -28.52 -12.94 3.42
C THR A 59 -29.24 -11.61 3.68
N CYS A 60 -29.56 -10.82 2.64
CA CYS A 60 -30.14 -9.46 2.79
C CYS A 60 -31.41 -9.33 1.94
N SER A 61 -32.32 -10.31 1.96
CA SER A 61 -33.52 -10.29 1.08
C SER A 61 -34.61 -9.36 1.67
N SER A 62 -34.49 -8.95 2.94
CA SER A 62 -35.41 -8.00 3.60
C SER A 62 -35.08 -6.54 3.21
N TYR A 63 -34.00 -6.26 2.50
CA TYR A 63 -33.58 -4.87 2.20
C TYR A 63 -34.12 -4.50 0.83
N ALA A 64 -33.89 -3.26 0.39
CA ALA A 64 -34.41 -2.75 -0.89
C ALA A 64 -33.23 -2.18 -1.66
N ILE A 65 -32.98 -2.69 -2.86
CA ILE A 65 -31.82 -2.28 -3.70
C ILE A 65 -32.28 -1.11 -4.58
N GLU A 66 -31.67 0.05 -4.35
CA GLU A 66 -31.87 1.25 -5.21
C GLU A 66 -31.05 1.07 -6.49
N LYS A 67 -29.76 0.76 -6.37
CA LYS A 67 -28.93 0.50 -7.58
C LYS A 67 -27.67 -0.30 -7.27
N ILE A 68 -27.06 -0.80 -8.34
CA ILE A 68 -25.73 -1.46 -8.32
C ILE A 68 -24.87 -0.79 -9.40
N GLU A 69 -23.68 -0.38 -9.01
CA GLU A 69 -22.69 0.22 -9.94
C GLU A 69 -21.43 -0.67 -10.00
N ARG A 70 -20.90 -0.83 -11.21
CA ARG A 70 -19.61 -1.50 -11.51
C ARG A 70 -18.52 -0.42 -11.40
N ILE A 71 -17.52 -0.69 -10.58
CA ILE A 71 -16.36 0.24 -10.37
C ILE A 71 -15.30 -0.09 -11.41
N GLN A 72 -15.11 0.80 -12.36
CA GLN A 72 -14.06 0.67 -13.38
C GLN A 72 -12.98 1.67 -13.01
N ASN A 73 -12.03 1.24 -12.20
CA ASN A 73 -10.85 2.04 -11.76
C ASN A 73 -9.61 1.34 -12.34
N ALA A 74 -9.05 1.86 -13.44
CA ALA A 74 -7.94 1.20 -14.18
C ALA A 74 -6.71 1.09 -13.27
N PHE A 75 -6.35 2.15 -12.56
CA PHE A 75 -5.14 2.19 -11.71
C PHE A 75 -5.27 1.19 -10.56
N LEU A 76 -6.41 1.16 -9.88
CA LEU A 76 -6.62 0.23 -8.75
C LEU A 76 -6.56 -1.19 -9.30
N TRP A 77 -7.11 -1.42 -10.49
CA TRP A 77 -7.18 -2.78 -11.10
C TRP A 77 -5.76 -3.30 -11.41
N GLN A 78 -4.95 -2.46 -12.06
CA GLN A 78 -3.58 -2.80 -12.45
C GLN A 78 -2.81 -3.20 -11.18
N SER A 79 -2.81 -2.36 -10.15
CA SER A 79 -2.07 -2.61 -8.88
C SER A 79 -2.59 -3.90 -8.23
N TYR A 80 -3.90 -4.13 -8.26
CA TYR A 80 -4.47 -5.37 -7.68
C TYR A 80 -3.96 -6.60 -8.44
N GLN A 81 -3.97 -6.58 -9.78
CA GLN A 81 -3.63 -7.74 -10.65
C GLN A 81 -2.13 -8.07 -10.49
N VAL A 82 -1.28 -7.05 -10.34
CA VAL A 82 0.15 -7.25 -10.03
C VAL A 82 0.27 -8.11 -8.77
N LYS A 83 -0.37 -7.68 -7.69
CA LYS A 83 -0.31 -8.36 -6.36
CA LYS A 83 -0.28 -8.37 -6.38
C LYS A 83 -0.89 -9.78 -6.51
N LYS A 84 -1.89 -9.95 -7.36
CA LYS A 84 -2.50 -11.29 -7.61
C LYS A 84 -1.49 -12.22 -8.28
N ARG A 85 -0.77 -11.73 -9.29
CA ARG A 85 0.25 -12.54 -10.03
C ARG A 85 1.34 -12.94 -9.04
N GLN A 86 1.74 -11.99 -8.21
CA GLN A 86 2.79 -12.19 -7.19
C GLN A 86 2.32 -13.21 -6.15
N MET A 87 1.07 -13.14 -5.72
CA MET A 87 0.55 -14.07 -4.69
C MET A 87 0.41 -15.48 -5.32
N ASP A 88 0.01 -15.55 -6.59
CA ASP A 88 -0.15 -16.83 -7.34
C ASP A 88 1.22 -17.52 -7.50
N ILE A 89 2.30 -16.77 -7.74
CA ILE A 89 3.70 -17.30 -7.78
C ILE A 89 4.12 -17.73 -6.37
N LYS A 90 4.06 -16.84 -5.39
CA LYS A 90 4.56 -17.08 -4.01
C LYS A 90 3.86 -18.33 -3.43
N ASN A 91 2.56 -18.52 -3.64
CA ASN A 91 1.79 -19.61 -2.96
C ASN A 91 1.69 -20.83 -3.87
N ASP A 92 2.12 -20.71 -5.14
CA ASP A 92 2.21 -21.85 -6.10
C ASP A 92 0.84 -22.49 -6.31
N HIS A 93 -0.21 -21.66 -6.45
CA HIS A 93 -1.60 -22.07 -6.76
C HIS A 93 -2.37 -20.79 -7.03
N LYS A 94 -3.65 -20.89 -7.41
CA LYS A 94 -4.44 -19.73 -7.91
C LYS A 94 -5.80 -19.59 -7.22
N ASN A 95 -5.95 -20.14 -6.02
CA ASN A 95 -7.15 -19.92 -5.17
C ASN A 95 -6.80 -18.95 -4.03
N ASN A 96 -6.28 -17.77 -4.38
CA ASN A 96 -5.91 -16.73 -3.38
C ASN A 96 -6.99 -15.65 -3.28
N GLU A 97 -8.01 -15.70 -4.14
CA GLU A 97 -9.02 -14.63 -4.31
C GLU A 97 -10.38 -15.12 -3.78
N ARG A 98 -11.09 -14.25 -3.05
CA ARG A 98 -12.46 -14.46 -2.53
C ARG A 98 -13.29 -13.22 -2.84
N LEU A 99 -14.61 -13.42 -3.03
CA LEU A 99 -15.58 -12.31 -3.16
C LEU A 99 -16.16 -11.99 -1.79
N LEU A 100 -15.90 -10.80 -1.27
CA LEU A 100 -16.35 -10.41 0.10
C LEU A 100 -17.10 -9.07 0.07
N PHE A 101 -17.67 -8.69 1.20
CA PHE A 101 -18.50 -7.48 1.34
C PHE A 101 -17.81 -6.49 2.28
N HIS A 102 -18.09 -5.21 2.06
CA HIS A 102 -17.58 -4.12 2.93
C HIS A 102 -18.65 -3.05 3.01
N GLY A 103 -19.21 -2.84 4.21
CA GLY A 103 -20.11 -1.70 4.50
C GLY A 103 -19.29 -0.48 4.84
N THR A 104 -19.64 0.67 4.26
CA THR A 104 -19.03 1.97 4.65
C THR A 104 -20.10 3.09 4.66
N ASP A 105 -19.81 4.20 5.35
CA ASP A 105 -20.60 5.46 5.34
C ASP A 105 -20.47 6.12 3.96
N ALA A 106 -21.46 6.92 3.59
CA ALA A 106 -21.55 7.58 2.27
C ALA A 106 -20.36 8.53 2.07
N ASP A 107 -19.75 9.04 3.13
CA ASP A 107 -18.66 10.05 3.01
C ASP A 107 -17.34 9.39 2.59
N SER A 108 -17.17 8.07 2.82
CA SER A 108 -15.98 7.29 2.39
C SER A 108 -16.13 6.79 0.95
N VAL A 109 -17.34 6.66 0.44
CA VAL A 109 -17.62 6.05 -0.89
C VAL A 109 -16.72 6.69 -1.96
N PRO A 110 -16.67 8.03 -2.16
CA PRO A 110 -15.84 8.59 -3.21
C PRO A 110 -14.37 8.21 -3.07
N TYR A 111 -13.83 8.17 -1.84
CA TYR A 111 -12.41 7.78 -1.59
C TYR A 111 -12.19 6.31 -2.00
N VAL A 112 -13.04 5.39 -1.55
CA VAL A 112 -12.92 3.95 -1.93
C VAL A 112 -12.99 3.78 -3.47
N ASN A 113 -13.98 4.36 -4.13
CA ASN A 113 -14.13 4.31 -5.61
C ASN A 113 -12.78 4.66 -6.27
N GLN A 114 -12.11 5.69 -5.76
CA GLN A 114 -10.90 6.29 -6.42
C GLN A 114 -9.62 5.61 -5.92
N HIS A 115 -9.49 5.34 -4.62
CA HIS A 115 -8.20 4.91 -4.00
C HIS A 115 -8.33 3.58 -3.26
N GLY A 116 -9.51 2.98 -3.17
CA GLY A 116 -9.65 1.64 -2.56
C GLY A 116 -9.68 1.72 -1.03
N PHE A 117 -9.35 0.61 -0.38
CA PHE A 117 -9.44 0.43 1.08
C PHE A 117 -8.08 0.81 1.70
N ASN A 118 -8.12 1.66 2.70
CA ASN A 118 -6.93 2.19 3.40
C ASN A 118 -7.08 1.84 4.87
N ARG A 119 -6.18 1.01 5.40
CA ARG A 119 -6.15 0.57 6.81
C ARG A 119 -5.98 1.77 7.76
N SER A 120 -5.44 2.90 7.30
CA SER A 120 -5.18 4.11 8.14
C SER A 120 -6.44 4.96 8.41
N CYS A 121 -7.58 4.67 7.76
CA CYS A 121 -8.81 5.49 7.85
C CYS A 121 -9.68 5.04 9.04
N VAL A 127 -11.13 -3.39 15.50
CA VAL A 127 -9.76 -3.82 15.08
C VAL A 127 -9.22 -4.89 16.06
N SER A 128 -10.13 -5.82 16.42
CA SER A 128 -9.93 -6.92 17.39
C SER A 128 -9.17 -8.10 16.75
N TYR A 129 -9.13 -8.20 15.41
CA TYR A 129 -8.28 -9.21 14.74
C TYR A 129 -7.14 -8.51 14.00
N GLY A 130 -6.90 -7.22 14.24
CA GLY A 130 -5.69 -6.55 13.74
C GLY A 130 -6.04 -5.23 13.07
N LYS A 131 -5.06 -4.35 12.90
CA LYS A 131 -5.23 -2.99 12.34
C LYS A 131 -5.13 -3.07 10.82
N GLY A 132 -6.15 -3.65 10.19
CA GLY A 132 -6.26 -3.67 8.72
C GLY A 132 -7.64 -3.28 8.26
N THR A 133 -8.01 -3.64 7.04
CA THR A 133 -9.37 -3.38 6.52
C THR A 133 -10.17 -4.69 6.60
N TYR A 134 -11.42 -4.59 7.02
CA TYR A 134 -12.26 -5.76 7.41
C TYR A 134 -13.23 -6.03 6.28
N PHE A 135 -13.40 -7.28 5.91
CA PHE A 135 -14.36 -7.74 4.87
C PHE A 135 -15.22 -8.87 5.47
N ALA A 136 -16.50 -8.94 5.10
CA ALA A 136 -17.44 -9.96 5.59
C ALA A 136 -17.73 -10.97 4.50
N VAL A 137 -17.83 -12.23 4.91
CA VAL A 137 -18.30 -13.35 4.05
C VAL A 137 -19.76 -13.07 3.67
N ASP A 138 -20.61 -12.72 4.64
CA ASP A 138 -22.07 -12.57 4.46
C ASP A 138 -22.42 -11.09 4.34
N ALA A 139 -23.27 -10.71 3.37
CA ALA A 139 -23.72 -9.31 3.19
C ALA A 139 -24.45 -8.79 4.45
N SER A 140 -25.16 -9.67 5.16
CA SER A 140 -25.93 -9.32 6.37
C SER A 140 -25.02 -8.71 7.44
N TYR A 141 -23.78 -9.18 7.57
CA TYR A 141 -22.81 -8.64 8.56
C TYR A 141 -22.40 -7.23 8.15
N SER A 142 -22.15 -7.03 6.88
CA SER A 142 -21.81 -5.71 6.29
C SER A 142 -23.01 -4.76 6.37
N ALA A 143 -24.24 -5.27 6.37
CA ALA A 143 -25.51 -4.48 6.37
C ALA A 143 -25.76 -3.77 7.70
N LYS A 144 -25.16 -4.21 8.80
CA LYS A 144 -25.30 -3.54 10.12
C LYS A 144 -25.01 -2.05 9.95
N ASP A 145 -25.83 -1.24 10.62
CA ASP A 145 -25.81 0.25 10.57
C ASP A 145 -24.46 0.80 11.05
N THR A 146 -23.74 0.07 11.91
CA THR A 146 -22.40 0.51 12.42
C THR A 146 -21.35 0.47 11.28
N TYR A 147 -21.56 -0.34 10.23
CA TYR A 147 -20.68 -0.44 9.03
C TYR A 147 -21.27 0.36 7.89
N SER A 148 -22.41 -0.06 7.31
CA SER A 148 -23.08 0.72 6.22
C SER A 148 -24.04 1.75 6.88
N LYS A 149 -23.47 2.82 7.45
CA LYS A 149 -24.23 3.87 8.19
C LYS A 149 -25.24 4.49 7.23
N PRO A 150 -26.53 4.50 7.62
CA PRO A 150 -27.57 5.14 6.82
C PRO A 150 -27.31 6.65 6.78
N ASP A 151 -27.44 7.27 5.62
CA ASP A 151 -27.35 8.75 5.44
C ASP A 151 -28.73 9.34 5.78
N SER A 152 -28.89 10.66 5.61
CA SER A 152 -30.16 11.43 5.83
C SER A 152 -31.38 10.64 5.34
N ASN A 153 -31.36 10.21 4.07
CA ASN A 153 -32.52 9.60 3.37
C ASN A 153 -32.63 8.10 3.65
N GLY A 154 -31.76 7.55 4.52
CA GLY A 154 -31.77 6.12 4.91
C GLY A 154 -30.96 5.25 3.96
N ARG A 155 -30.29 5.85 2.97
CA ARG A 155 -29.46 5.13 1.97
C ARG A 155 -28.23 4.51 2.65
N LYS A 156 -27.99 3.23 2.35
CA LYS A 156 -26.86 2.41 2.84
C LYS A 156 -26.00 1.97 1.64
N HIS A 157 -24.69 1.84 1.88
CA HIS A 157 -23.63 1.53 0.88
C HIS A 157 -22.80 0.31 1.28
N MET A 158 -22.78 -0.67 0.40
CA MET A 158 -21.96 -1.89 0.54
C MET A 158 -21.22 -2.15 -0.78
N TYR A 159 -19.91 -2.39 -0.67
CA TYR A 159 -19.10 -2.91 -1.80
C TYR A 159 -19.12 -4.42 -1.80
N VAL A 160 -19.15 -4.98 -3.02
CA VAL A 160 -18.64 -6.32 -3.39
C VAL A 160 -17.17 -6.16 -3.80
N VAL A 161 -16.28 -6.87 -3.10
CA VAL A 161 -14.79 -6.72 -3.19
C VAL A 161 -14.14 -8.04 -3.59
N ARG A 162 -13.26 -7.98 -4.60
CA ARG A 162 -12.23 -9.01 -4.84
C ARG A 162 -11.12 -8.85 -3.79
N VAL A 163 -10.92 -9.86 -2.93
CA VAL A 163 -9.86 -9.83 -1.87
C VAL A 163 -8.87 -10.98 -2.08
N LEU A 164 -7.58 -10.66 -2.00
CA LEU A 164 -6.49 -11.65 -2.05
C LEU A 164 -6.26 -12.15 -0.63
N THR A 165 -7.10 -13.09 -0.22
CA THR A 165 -7.03 -13.70 1.14
C THR A 165 -5.86 -14.69 1.21
N GLY A 166 -5.55 -15.38 0.11
CA GLY A 166 -4.42 -16.30 -0.04
C GLY A 166 -4.43 -17.33 1.08
N VAL A 167 -3.31 -17.47 1.79
CA VAL A 167 -3.17 -18.39 2.96
C VAL A 167 -3.37 -17.56 4.24
N PHE A 168 -4.26 -17.99 5.13
CA PHE A 168 -4.74 -17.17 6.26
C PHE A 168 -4.67 -17.98 7.55
N THR A 169 -4.65 -17.26 8.65
CA THR A 169 -4.61 -17.80 10.04
C THR A 169 -5.54 -16.94 10.91
N LYS A 170 -5.73 -17.37 12.16
CA LYS A 170 -6.53 -16.62 13.15
C LYS A 170 -5.83 -15.30 13.50
N GLY A 171 -6.62 -14.23 13.56
CA GLY A 171 -6.13 -12.88 13.91
C GLY A 171 -6.20 -12.64 15.41
N ARG A 172 -5.73 -11.48 15.85
CA ARG A 172 -5.69 -11.14 17.28
C ARG A 172 -5.47 -9.62 17.34
N ALA A 173 -5.88 -9.01 18.46
CA ALA A 173 -5.83 -7.53 18.63
C ALA A 173 -4.39 -7.06 18.47
N GLY A 174 -4.18 -5.96 17.76
CA GLY A 174 -2.87 -5.26 17.71
C GLY A 174 -1.97 -5.67 16.57
N LEU A 175 -2.29 -6.71 15.78
CA LEU A 175 -1.46 -7.04 14.59
C LEU A 175 -1.38 -5.80 13.69
N VAL A 176 -0.20 -5.53 13.12
CA VAL A 176 0.01 -4.47 12.07
C VAL A 176 0.18 -5.14 10.70
N THR A 177 0.64 -6.38 10.67
CA THR A 177 0.72 -7.22 9.44
C THR A 177 0.22 -8.60 9.86
N PRO A 178 0.01 -9.55 8.92
CA PRO A 178 -0.34 -10.91 9.34
C PRO A 178 0.89 -11.51 10.03
N PRO A 179 0.72 -12.52 10.91
CA PRO A 179 1.87 -13.19 11.51
C PRO A 179 2.66 -14.05 10.53
N PRO A 180 3.92 -14.41 10.85
CA PRO A 180 4.70 -15.33 10.01
C PRO A 180 4.15 -16.76 9.99
N LYS A 181 4.36 -17.46 8.88
CA LYS A 181 4.02 -18.91 8.70
C LYS A 181 4.92 -19.80 9.57
N ASN A 182 6.08 -19.28 10.00
CA ASN A 182 6.99 -20.01 10.92
C ASN A 182 7.79 -18.99 11.73
N PRO A 183 7.83 -19.13 13.08
CA PRO A 183 8.58 -18.19 13.93
C PRO A 183 10.07 -18.05 13.58
N HIS A 184 10.68 -19.10 13.00
CA HIS A 184 12.12 -19.15 12.62
C HIS A 184 12.35 -18.52 11.23
N ASN A 185 11.27 -18.12 10.54
CA ASN A 185 11.31 -17.46 9.20
C ASN A 185 10.46 -16.18 9.27
N PRO A 186 10.90 -15.19 10.08
CA PRO A 186 9.98 -14.15 10.54
C PRO A 186 9.41 -13.24 9.44
N THR A 187 9.94 -13.25 8.21
CA THR A 187 9.47 -12.37 7.09
C THR A 187 8.59 -13.14 6.09
N ASP A 188 8.38 -14.44 6.25
CA ASP A 188 7.42 -15.20 5.40
C ASP A 188 6.03 -15.18 6.07
N LEU A 189 5.15 -14.27 5.62
CA LEU A 189 3.87 -13.95 6.31
C LEU A 189 2.71 -14.75 5.71
N PHE A 190 1.64 -14.98 6.48
CA PHE A 190 0.29 -15.28 5.94
C PHE A 190 -0.19 -14.08 5.10
N ASP A 191 -1.15 -14.30 4.22
CA ASP A 191 -1.64 -13.20 3.33
C ASP A 191 -2.70 -12.33 4.04
N SER A 192 -3.52 -12.95 4.89
CA SER A 192 -4.66 -12.36 5.58
C SER A 192 -4.85 -13.09 6.92
N VAL A 193 -5.63 -12.50 7.81
CA VAL A 193 -6.13 -13.23 9.01
C VAL A 193 -7.65 -13.28 9.00
N THR A 194 -8.21 -14.15 9.85
CA THR A 194 -9.64 -14.42 9.92
C THR A 194 -10.05 -14.55 11.40
N ASN A 195 -11.35 -14.50 11.68
CA ASN A 195 -11.88 -14.75 13.05
C ASN A 195 -11.73 -16.25 13.39
N ASN A 196 -11.80 -17.11 12.40
CA ASN A 196 -11.97 -18.59 12.56
C ASN A 196 -11.62 -19.26 11.23
N THR A 197 -10.57 -20.09 11.25
CA THR A 197 -9.89 -20.65 10.06
C THR A 197 -10.71 -21.80 9.48
N ARG A 198 -11.27 -22.66 10.34
CA ARG A 198 -12.20 -23.75 9.92
C ARG A 198 -13.45 -23.15 9.26
N SER A 199 -13.97 -22.01 9.75
CA SER A 199 -15.24 -21.43 9.25
C SER A 199 -15.22 -19.90 9.26
N PRO A 200 -14.49 -19.26 8.33
CA PRO A 200 -14.33 -17.80 8.41
C PRO A 200 -15.64 -17.03 8.18
N LYS A 201 -15.84 -15.92 8.90
CA LYS A 201 -16.94 -14.98 8.62
C LYS A 201 -16.39 -13.58 8.36
N LEU A 202 -15.12 -13.33 8.69
CA LEU A 202 -14.47 -12.07 8.26
C LEU A 202 -12.99 -12.34 7.95
N PHE A 203 -12.43 -11.47 7.11
CA PHE A 203 -10.99 -11.47 6.73
C PHE A 203 -10.45 -10.07 6.91
N VAL A 204 -9.19 -9.95 7.32
CA VAL A 204 -8.53 -8.65 7.54
C VAL A 204 -7.30 -8.65 6.65
N VAL A 205 -7.12 -7.66 5.79
CA VAL A 205 -5.87 -7.58 4.98
C VAL A 205 -5.17 -6.31 5.39
N PHE A 206 -3.85 -6.24 5.23
CA PHE A 206 -3.03 -5.23 5.92
C PHE A 206 -2.23 -4.41 4.91
N PHE A 207 -2.50 -4.56 3.62
CA PHE A 207 -1.66 -3.94 2.56
C PHE A 207 -2.57 -3.39 1.47
N ASP A 208 -2.11 -2.27 0.90
CA ASP A 208 -2.95 -1.39 0.05
C ASP A 208 -3.62 -2.17 -1.08
N ASN A 209 -2.91 -2.97 -1.86
CA ASN A 209 -3.50 -3.32 -3.18
C ASN A 209 -3.98 -4.77 -3.15
N GLN A 210 -4.48 -5.22 -1.99
CA GLN A 210 -4.90 -6.61 -1.75
C GLN A 210 -6.41 -6.78 -1.94
N ALA A 211 -7.14 -5.69 -2.17
CA ALA A 211 -8.61 -5.68 -2.36
C ALA A 211 -8.96 -4.75 -3.50
N TYR A 212 -9.83 -5.18 -4.39
CA TYR A 212 -10.35 -4.31 -5.46
C TYR A 212 -11.85 -4.22 -5.33
N PRO A 213 -12.39 -3.00 -5.15
CA PRO A 213 -13.82 -2.77 -5.03
C PRO A 213 -14.45 -2.92 -6.43
N GLU A 214 -15.29 -3.93 -6.60
CA GLU A 214 -15.81 -4.30 -7.94
C GLU A 214 -17.22 -3.75 -8.16
N TYR A 215 -18.10 -3.88 -7.16
CA TYR A 215 -19.45 -3.28 -7.22
C TYR A 215 -19.80 -2.51 -5.95
N LEU A 216 -20.54 -1.43 -6.15
CA LEU A 216 -21.22 -0.63 -5.11
C LEU A 216 -22.71 -0.87 -5.14
N ILE A 217 -23.26 -1.28 -4.01
CA ILE A 217 -24.72 -1.51 -3.83
C ILE A 217 -25.30 -0.41 -2.94
N THR A 218 -26.20 0.43 -3.49
CA THR A 218 -27.00 1.42 -2.75
C THR A 218 -28.33 0.75 -2.38
N PHE A 219 -28.67 0.75 -1.10
CA PHE A 219 -29.85 -0.01 -0.58
C PHE A 219 -30.40 0.59 0.71
N THR A 220 -31.59 0.13 1.10
CA THR A 220 -32.35 0.65 2.28
C THR A 220 -32.94 -0.52 3.06
N ALA A 221 -33.12 -0.32 4.37
CA ALA A 221 -33.64 -1.33 5.32
C ALA A 221 -35.12 -1.60 5.02
N ASN B 24 9.90 -7.31 -15.86
CA ASN B 24 10.59 -6.15 -16.50
C ASN B 24 11.74 -5.68 -15.58
N LEU B 25 12.58 -6.60 -15.10
CA LEU B 25 13.64 -6.31 -14.08
C LEU B 25 14.82 -5.60 -14.75
N PRO B 26 15.48 -4.62 -14.09
CA PRO B 26 16.54 -3.85 -14.75
C PRO B 26 17.70 -4.75 -15.22
N GLU B 27 18.26 -4.44 -16.40
CA GLU B 27 19.33 -5.24 -17.07
C GLU B 27 20.64 -5.23 -16.27
N HIS B 28 20.91 -4.21 -15.44
CA HIS B 28 22.17 -4.14 -14.66
C HIS B 28 22.08 -5.04 -13.43
N TRP B 29 20.91 -5.58 -13.10
CA TRP B 29 20.79 -6.42 -11.89
C TRP B 29 21.55 -7.72 -12.16
N THR B 30 22.21 -8.25 -11.14
CA THR B 30 22.69 -9.64 -10.98
C THR B 30 21.58 -10.61 -11.38
N ASP B 31 21.93 -11.72 -12.03
CA ASP B 31 20.97 -12.81 -12.31
C ASP B 31 20.73 -13.51 -10.98
N MET B 32 19.48 -13.83 -10.69
CA MET B 32 19.05 -14.35 -9.37
C MET B 32 18.59 -15.81 -9.54
N ASN B 33 19.10 -16.49 -10.57
CA ASN B 33 18.60 -17.82 -11.02
C ASN B 33 17.10 -17.65 -11.23
N HIS B 34 16.28 -18.32 -10.41
CA HIS B 34 14.80 -18.19 -10.46
C HIS B 34 14.30 -17.60 -9.15
N GLN B 35 15.20 -17.08 -8.30
CA GLN B 35 14.85 -16.53 -6.96
C GLN B 35 14.42 -15.05 -7.11
N LEU B 36 13.69 -14.53 -6.13
CA LEU B 36 12.93 -13.26 -6.27
C LEU B 36 13.63 -12.15 -5.48
N PHE B 37 14.62 -12.49 -4.68
CA PHE B 37 15.29 -11.51 -3.79
C PHE B 37 16.80 -11.79 -3.72
N CYS B 38 17.59 -10.72 -3.67
CA CYS B 38 19.05 -10.80 -3.55
C CYS B 38 19.64 -9.47 -3.06
N MET B 39 20.54 -9.52 -2.08
CA MET B 39 21.39 -8.39 -1.64
C MET B 39 22.76 -8.51 -2.31
N VAL B 40 23.17 -7.52 -3.09
CA VAL B 40 24.39 -7.52 -3.93
C VAL B 40 25.37 -6.48 -3.36
N GLN B 41 26.47 -6.96 -2.80
CA GLN B 41 27.57 -6.10 -2.29
C GLN B 41 28.26 -5.38 -3.44
N LEU B 42 28.34 -4.06 -3.40
CA LEU B 42 28.97 -3.20 -4.43
C LEU B 42 30.44 -3.03 -4.08
N GLU B 43 31.22 -2.64 -5.09
CA GLU B 43 32.71 -2.52 -5.03
C GLU B 43 33.10 -1.05 -5.09
N PRO B 44 33.85 -0.59 -4.08
CA PRO B 44 34.41 0.76 -4.09
C PRO B 44 35.12 0.96 -5.44
N GLY B 45 35.11 2.16 -5.98
CA GLY B 45 35.70 2.39 -7.31
C GLY B 45 34.71 2.15 -8.44
N GLN B 46 33.64 1.36 -8.24
CA GLN B 46 32.46 1.34 -9.17
C GLN B 46 31.82 2.74 -9.14
N SER B 47 31.31 3.24 -10.27
CA SER B 47 30.48 4.47 -10.34
C SER B 47 29.26 4.31 -9.41
N GLU B 48 28.67 3.11 -9.41
CA GLU B 48 27.47 2.82 -8.59
C GLU B 48 27.78 3.07 -7.09
N TYR B 49 28.83 2.45 -6.56
CA TYR B 49 29.24 2.60 -5.15
C TYR B 49 29.66 4.04 -4.90
N ASN B 50 30.40 4.67 -5.80
CA ASN B 50 30.98 6.02 -5.54
C ASN B 50 29.90 7.11 -5.52
N THR B 51 28.87 7.04 -6.36
CA THR B 51 27.81 8.06 -6.40
C THR B 51 27.04 8.04 -5.06
N ILE B 52 26.75 6.85 -4.55
CA ILE B 52 26.12 6.68 -3.20
C ILE B 52 27.08 7.19 -2.11
N LYS B 53 28.35 6.82 -2.13
CA LYS B 53 29.30 7.27 -1.08
C LYS B 53 29.30 8.80 -1.10
N ASP B 54 29.31 9.41 -2.28
CA ASP B 54 29.33 10.90 -2.44
C ASP B 54 28.05 11.54 -1.89
N LYS B 55 26.89 10.99 -2.22
CA LYS B 55 25.59 11.51 -1.76
C LYS B 55 25.59 11.48 -0.22
N PHE B 56 26.12 10.41 0.35
CA PHE B 56 26.15 10.19 1.81
C PHE B 56 27.14 11.18 2.47
N THR B 57 28.38 11.26 1.99
CA THR B 57 29.50 11.91 2.73
C THR B 57 29.36 13.43 2.59
N ARG B 58 28.50 13.87 1.67
CA ARG B 58 28.18 15.31 1.45
C ARG B 58 27.70 15.95 2.76
N THR B 59 26.96 15.22 3.61
CA THR B 59 26.44 15.73 4.92
C THR B 59 26.94 14.84 6.08
N CYS B 60 27.54 13.67 5.81
CA CYS B 60 27.99 12.69 6.85
C CYS B 60 29.48 12.40 6.80
N SER B 61 30.32 13.44 6.70
CA SER B 61 31.78 13.31 6.52
C SER B 61 32.48 12.73 7.77
N SER B 62 31.82 12.66 8.93
CA SER B 62 32.43 12.17 10.18
C SER B 62 32.23 10.66 10.34
N TYR B 63 31.33 10.05 9.57
CA TYR B 63 31.04 8.59 9.63
C TYR B 63 31.91 7.85 8.60
N ALA B 64 31.94 6.53 8.65
CA ALA B 64 32.69 5.71 7.68
C ALA B 64 31.79 4.58 7.18
N ILE B 65 31.81 4.35 5.88
CA ILE B 65 30.94 3.32 5.26
C ILE B 65 31.64 1.97 5.41
N GLU B 66 30.92 0.99 5.92
CA GLU B 66 31.44 -0.39 6.00
C GLU B 66 31.17 -1.06 4.65
N LYS B 67 29.92 -1.04 4.19
CA LYS B 67 29.53 -1.58 2.88
C LYS B 67 28.25 -0.93 2.38
N ILE B 68 28.01 -1.13 1.09
CA ILE B 68 26.79 -0.74 0.36
C ILE B 68 26.32 -1.96 -0.42
N GLU B 69 25.08 -2.39 -0.22
CA GLU B 69 24.47 -3.51 -0.95
C GLU B 69 23.33 -2.95 -1.78
N ARG B 70 23.22 -3.41 -3.02
CA ARG B 70 22.05 -3.19 -3.89
C ARG B 70 20.95 -4.17 -3.54
N ILE B 71 19.74 -3.66 -3.37
CA ILE B 71 18.53 -4.46 -3.00
C ILE B 71 17.82 -4.81 -4.31
N GLN B 72 17.78 -6.09 -4.63
CA GLN B 72 17.12 -6.63 -5.84
C GLN B 72 15.89 -7.38 -5.34
N ASN B 73 14.77 -6.67 -5.25
CA ASN B 73 13.46 -7.23 -4.78
C ASN B 73 12.47 -7.14 -5.93
N ALA B 74 12.26 -8.24 -6.65
CA ALA B 74 11.47 -8.28 -7.90
C ALA B 74 10.06 -7.76 -7.65
N PHE B 75 9.40 -8.27 -6.62
CA PHE B 75 8.01 -7.93 -6.27
C PHE B 75 7.92 -6.47 -5.89
N LEU B 76 8.81 -5.99 -5.02
CA LEU B 76 8.70 -4.57 -4.62
C LEU B 76 8.92 -3.71 -5.85
N TRP B 77 9.82 -4.12 -6.73
CA TRP B 77 10.23 -3.34 -7.92
C TRP B 77 9.06 -3.21 -8.87
N GLN B 78 8.36 -4.31 -9.14
CA GLN B 78 7.18 -4.33 -10.05
C GLN B 78 6.08 -3.38 -9.56
N SER B 79 5.65 -3.52 -8.29
CA SER B 79 4.58 -2.72 -7.66
C SER B 79 5.02 -1.26 -7.62
N TYR B 80 6.30 -0.99 -7.29
CA TYR B 80 6.83 0.40 -7.32
C TYR B 80 6.67 0.95 -8.75
N GLN B 81 7.07 0.21 -9.80
CA GLN B 81 7.18 0.75 -11.18
C GLN B 81 5.78 0.96 -11.76
N VAL B 82 4.83 0.13 -11.35
CA VAL B 82 3.41 0.37 -11.68
C VAL B 82 2.95 1.73 -11.08
N LYS B 83 3.22 2.00 -9.80
CA LYS B 83 2.80 3.29 -9.16
C LYS B 83 3.47 4.47 -9.89
N LYS B 84 4.74 4.30 -10.29
CA LYS B 84 5.52 5.39 -10.93
C LYS B 84 4.93 5.69 -12.31
N ARG B 85 4.53 4.64 -13.01
CA ARG B 85 3.93 4.82 -14.36
C ARG B 85 2.60 5.54 -14.19
N GLN B 86 1.79 5.16 -13.19
CA GLN B 86 0.49 5.80 -12.90
C GLN B 86 0.71 7.26 -12.50
N MET B 87 1.68 7.54 -11.64
CA MET B 87 1.88 8.95 -11.24
C MET B 87 2.40 9.76 -12.43
N ASP B 88 3.19 9.17 -13.29
CA ASP B 88 3.75 9.85 -14.50
C ASP B 88 2.60 10.20 -15.47
N ILE B 89 1.62 9.31 -15.64
CA ILE B 89 0.39 9.56 -16.47
C ILE B 89 -0.44 10.67 -15.79
N LYS B 90 -0.77 10.51 -14.51
CA LYS B 90 -1.64 11.42 -13.72
C LYS B 90 -1.08 12.84 -13.69
N ASN B 91 0.21 13.04 -13.40
CA ASN B 91 0.81 14.40 -13.23
C ASN B 91 1.27 14.94 -14.59
N ASP B 92 1.54 16.23 -14.65
CA ASP B 92 1.74 16.94 -15.93
C ASP B 92 3.23 16.96 -16.27
N HIS B 93 3.75 15.86 -16.86
CA HIS B 93 5.16 15.70 -17.30
C HIS B 93 6.13 15.89 -16.13
N LYS B 94 5.65 15.86 -14.88
CA LYS B 94 6.45 16.17 -13.67
C LYS B 94 7.63 15.21 -13.54
N ASN B 95 8.64 15.63 -12.78
CA ASN B 95 9.69 14.76 -12.20
C ASN B 95 9.16 14.25 -10.87
N ASN B 96 8.64 13.03 -10.83
CA ASN B 96 7.86 12.52 -9.68
C ASN B 96 8.77 11.80 -8.69
N GLU B 97 10.03 11.53 -9.04
CA GLU B 97 10.87 10.60 -8.24
C GLU B 97 12.09 11.34 -7.72
N ARG B 98 12.36 11.20 -6.43
CA ARG B 98 13.56 11.74 -5.77
C ARG B 98 14.29 10.57 -5.14
N LEU B 99 15.60 10.72 -4.95
CA LEU B 99 16.43 9.71 -4.26
C LEU B 99 16.63 10.22 -2.85
N LEU B 100 16.13 9.52 -1.84
CA LEU B 100 16.14 10.07 -0.46
C LEU B 100 16.71 9.00 0.50
N PHE B 101 16.96 9.37 1.74
CA PHE B 101 17.54 8.46 2.77
C PHE B 101 16.52 8.04 3.81
N HIS B 102 16.77 6.92 4.48
CA HIS B 102 15.90 6.43 5.57
C HIS B 102 16.74 5.61 6.56
N GLY B 103 17.08 6.18 7.71
CA GLY B 103 17.78 5.43 8.77
C GLY B 103 16.82 4.51 9.48
N THR B 104 17.23 3.30 9.80
CA THR B 104 16.39 2.34 10.55
C THR B 104 17.26 1.53 11.49
N ASP B 105 16.61 0.83 12.41
CA ASP B 105 17.25 -0.09 13.38
C ASP B 105 17.49 -1.42 12.66
N ALA B 106 18.50 -2.15 13.10
CA ALA B 106 18.93 -3.47 12.60
C ALA B 106 17.71 -4.39 12.55
N ASP B 107 16.86 -4.35 13.56
CA ASP B 107 15.73 -5.32 13.69
C ASP B 107 14.75 -5.14 12.53
N SER B 108 14.64 -3.93 11.97
CA SER B 108 13.70 -3.58 10.87
C SER B 108 14.24 -4.00 9.50
N VAL B 109 15.56 -4.20 9.37
CA VAL B 109 16.23 -4.31 8.04
C VAL B 109 15.70 -5.54 7.29
N PRO B 110 15.56 -6.73 7.91
CA PRO B 110 15.04 -7.88 7.16
C PRO B 110 13.63 -7.63 6.60
N TYR B 111 12.76 -6.96 7.37
CA TYR B 111 11.36 -6.66 6.96
C TYR B 111 11.40 -5.70 5.75
N VAL B 112 12.15 -4.60 5.85
CA VAL B 112 12.24 -3.57 4.77
C VAL B 112 12.75 -4.20 3.49
N ASN B 113 13.86 -4.97 3.57
CA ASN B 113 14.50 -5.64 2.42
C ASN B 113 13.44 -6.46 1.67
N GLN B 114 12.58 -7.15 2.41
CA GLN B 114 11.57 -8.11 1.88
C GLN B 114 10.28 -7.39 1.48
N HIS B 115 9.79 -6.47 2.30
CA HIS B 115 8.38 -5.97 2.21
C HIS B 115 8.31 -4.47 1.98
N GLY B 116 9.41 -3.75 2.07
CA GLY B 116 9.44 -2.28 1.94
C GLY B 116 9.05 -1.57 3.23
N PHE B 117 8.64 -0.31 3.09
CA PHE B 117 8.28 0.66 4.14
C PHE B 117 6.77 0.57 4.46
N ASN B 118 6.47 0.18 5.70
CA ASN B 118 5.09 0.04 6.20
C ASN B 118 4.80 1.22 7.14
N ARG B 119 3.87 2.10 6.77
CA ARG B 119 3.48 3.29 7.57
C ARG B 119 2.92 2.86 8.92
N SER B 120 2.27 1.69 9.02
CA SER B 120 1.73 1.18 10.32
C SER B 120 2.85 0.92 11.34
N CYS B 121 4.13 0.86 10.91
CA CYS B 121 5.30 0.56 11.77
C CYS B 121 6.13 1.83 12.04
N ALA B 122 5.81 2.95 11.40
CA ALA B 122 6.64 4.18 11.42
C ALA B 122 6.69 4.77 12.83
N GLY B 123 7.84 5.33 13.21
CA GLY B 123 7.97 6.08 14.47
C GLY B 123 7.26 7.41 14.34
N LYS B 124 6.87 8.02 15.46
CA LYS B 124 6.48 9.45 15.48
C LYS B 124 7.78 10.25 15.30
N ASN B 125 7.85 11.11 14.29
CA ASN B 125 9.06 11.93 14.06
C ASN B 125 9.06 13.07 15.09
N ALA B 126 10.22 13.61 15.46
CA ALA B 126 10.28 14.70 16.48
C ALA B 126 9.54 15.95 15.96
N VAL B 127 9.54 16.19 14.64
CA VAL B 127 8.65 17.21 14.04
C VAL B 127 7.71 16.49 13.05
N SER B 128 6.47 16.24 13.44
CA SER B 128 5.54 15.39 12.65
C SER B 128 4.83 16.26 11.63
N TYR B 129 4.89 15.89 10.35
CA TYR B 129 4.08 16.51 9.28
C TYR B 129 3.16 15.46 8.67
N GLY B 130 2.85 14.44 9.44
CA GLY B 130 1.76 13.52 9.09
C GLY B 130 2.10 12.18 9.64
N LYS B 131 1.13 11.27 9.71
CA LYS B 131 1.36 9.85 10.07
C LYS B 131 1.69 9.02 8.80
N GLY B 132 2.94 9.05 8.35
CA GLY B 132 3.43 8.15 7.30
C GLY B 132 4.89 7.77 7.45
N THR B 133 5.51 7.36 6.34
CA THR B 133 6.93 6.96 6.32
C THR B 133 7.76 8.16 5.91
N TYR B 134 8.83 8.44 6.68
CA TYR B 134 9.71 9.63 6.55
C TYR B 134 10.98 9.27 5.77
N PHE B 135 11.41 10.23 4.93
CA PHE B 135 12.57 10.14 4.04
C PHE B 135 13.28 11.47 4.08
N ALA B 136 14.62 11.48 4.22
CA ALA B 136 15.36 12.73 4.40
C ALA B 136 16.10 13.05 3.10
N VAL B 137 16.24 14.32 2.76
CA VAL B 137 17.08 14.80 1.64
C VAL B 137 18.55 14.55 2.00
N ASP B 138 18.92 14.84 3.24
CA ASP B 138 20.33 14.81 3.71
C ASP B 138 20.55 13.58 4.58
N ALA B 139 21.57 12.80 4.24
CA ALA B 139 22.05 11.65 5.03
C ALA B 139 22.25 12.07 6.49
N SER B 140 22.74 13.29 6.75
CA SER B 140 22.98 13.75 8.15
C SER B 140 21.73 13.55 9.02
N TYR B 141 20.54 13.86 8.48
CA TYR B 141 19.26 13.75 9.24
C TYR B 141 19.04 12.27 9.63
N SER B 142 19.06 11.39 8.62
CA SER B 142 18.91 9.92 8.79
C SER B 142 20.00 9.32 9.69
N ALA B 143 21.19 9.93 9.72
CA ALA B 143 22.35 9.41 10.45
C ALA B 143 22.17 9.51 11.97
N LYS B 144 21.21 10.30 12.45
CA LYS B 144 20.99 10.50 13.92
C LYS B 144 20.65 9.14 14.55
N ASP B 145 21.09 8.93 15.79
CA ASP B 145 20.95 7.65 16.52
C ASP B 145 19.46 7.34 16.73
N THR B 146 18.60 8.37 16.77
CA THR B 146 17.14 8.23 16.89
C THR B 146 16.58 7.41 15.72
N TYR B 147 17.12 7.56 14.50
CA TYR B 147 16.65 6.80 13.30
C TYR B 147 17.54 5.58 13.03
N SER B 148 18.81 5.81 12.67
CA SER B 148 19.80 4.73 12.41
C SER B 148 20.41 4.27 13.74
N LYS B 149 19.65 3.52 14.53
CA LYS B 149 20.09 3.11 15.88
C LYS B 149 21.30 2.18 15.76
N PRO B 150 22.42 2.51 16.44
CA PRO B 150 23.56 1.61 16.52
C PRO B 150 23.15 0.23 17.03
N ASP B 151 23.55 -0.84 16.34
CA ASP B 151 23.31 -2.24 16.82
C ASP B 151 24.35 -2.59 17.89
N SER B 152 24.32 -3.81 18.41
CA SER B 152 25.21 -4.26 19.51
C SER B 152 26.69 -4.15 19.11
N ASN B 153 27.04 -4.17 17.81
CA ASN B 153 28.44 -4.04 17.32
C ASN B 153 28.73 -2.65 16.77
N GLY B 154 27.79 -1.72 16.96
CA GLY B 154 28.00 -0.30 16.63
C GLY B 154 27.75 -0.02 15.16
N ARG B 155 27.08 -0.93 14.45
CA ARG B 155 26.70 -0.68 13.03
C ARG B 155 25.40 0.13 12.97
N LYS B 156 25.38 1.12 12.08
CA LYS B 156 24.19 1.93 11.76
C LYS B 156 23.77 1.59 10.32
N HIS B 157 22.48 1.63 10.05
CA HIS B 157 21.85 1.24 8.76
C HIS B 157 21.03 2.38 8.21
N MET B 158 21.26 2.72 6.95
CA MET B 158 20.46 3.73 6.24
C MET B 158 20.18 3.22 4.83
N TYR B 159 18.93 3.27 4.39
CA TYR B 159 18.51 2.95 3.01
C TYR B 159 18.69 4.19 2.16
N VAL B 160 19.00 3.98 0.88
CA VAL B 160 18.89 5.00 -0.21
C VAL B 160 17.69 4.53 -1.01
N VAL B 161 16.71 5.42 -1.14
CA VAL B 161 15.30 5.07 -1.51
C VAL B 161 14.84 5.92 -2.69
N ARG B 162 14.29 5.25 -3.69
CA ARG B 162 13.50 5.92 -4.76
C ARG B 162 12.12 6.18 -4.20
N VAL B 163 11.72 7.45 -4.09
CA VAL B 163 10.42 7.85 -3.48
C VAL B 163 9.60 8.62 -4.51
N LEU B 164 8.33 8.23 -4.73
CA LEU B 164 7.41 8.98 -5.64
C LEU B 164 6.81 10.17 -4.88
N THR B 165 7.56 11.27 -4.82
CA THR B 165 7.19 12.51 -4.09
C THR B 165 6.12 13.25 -4.89
N GLY B 166 6.17 13.16 -6.22
CA GLY B 166 5.18 13.76 -7.13
C GLY B 166 4.99 15.23 -6.85
N VAL B 167 3.73 15.67 -6.80
CA VAL B 167 3.34 17.05 -6.38
C VAL B 167 3.09 17.02 -4.87
N PHE B 168 3.70 17.94 -4.13
CA PHE B 168 3.70 17.89 -2.64
C PHE B 168 3.35 19.27 -2.06
N THR B 169 3.02 19.26 -0.77
CA THR B 169 2.61 20.43 0.03
C THR B 169 3.18 20.28 1.45
N LYS B 170 3.20 21.36 2.21
CA LYS B 170 3.55 21.33 3.66
C LYS B 170 2.53 20.46 4.40
N GLY B 171 2.98 19.43 5.11
CA GLY B 171 2.07 18.55 5.88
C GLY B 171 1.71 19.15 7.24
N ARG B 172 0.95 18.37 8.00
CA ARG B 172 0.35 18.70 9.31
CA ARG B 172 0.47 18.72 9.36
C ARG B 172 0.32 17.42 10.13
N ALA B 173 0.63 17.47 11.43
CA ALA B 173 0.71 16.27 12.28
C ALA B 173 -0.52 15.35 12.08
N GLY B 174 -1.71 15.90 11.79
CA GLY B 174 -2.95 15.09 11.80
C GLY B 174 -3.11 14.15 10.61
N LEU B 175 -2.34 14.33 9.52
CA LEU B 175 -2.57 13.62 8.22
C LEU B 175 -2.38 12.10 8.36
N VAL B 176 -3.30 11.31 7.84
CA VAL B 176 -3.17 9.84 7.66
C VAL B 176 -3.16 9.52 6.16
N THR B 177 -3.47 10.53 5.33
CA THR B 177 -3.30 10.53 3.87
C THR B 177 -2.84 11.92 3.50
N PRO B 178 -2.32 12.15 2.27
CA PRO B 178 -2.01 13.50 1.85
C PRO B 178 -3.31 14.28 1.72
N PRO B 179 -3.24 15.61 1.89
CA PRO B 179 -4.43 16.44 1.82
C PRO B 179 -4.82 16.54 0.37
N PRO B 180 -6.07 16.96 0.10
CA PRO B 180 -6.51 17.21 -1.27
C PRO B 180 -5.91 18.51 -1.77
N LYS B 181 -5.80 18.64 -3.08
CA LYS B 181 -5.27 19.88 -3.73
C LYS B 181 -6.33 20.96 -3.55
N ASN B 182 -7.59 20.52 -3.50
CA ASN B 182 -8.79 21.35 -3.53
C ASN B 182 -9.82 20.78 -2.54
N PRO B 183 -10.20 21.52 -1.49
CA PRO B 183 -11.10 20.99 -0.46
C PRO B 183 -12.49 20.60 -1.01
N HIS B 184 -12.95 21.23 -2.09
CA HIS B 184 -14.25 20.88 -2.74
C HIS B 184 -14.12 19.63 -3.62
N ASN B 185 -12.90 19.08 -3.79
CA ASN B 185 -12.64 17.77 -4.47
C ASN B 185 -11.77 16.90 -3.56
N PRO B 186 -12.37 16.34 -2.48
CA PRO B 186 -11.59 15.68 -1.44
C PRO B 186 -10.71 14.49 -1.89
N THR B 187 -11.00 13.82 -3.02
CA THR B 187 -10.29 12.56 -3.41
C THR B 187 -9.12 12.86 -4.37
N ASP B 188 -8.98 14.08 -4.89
CA ASP B 188 -7.84 14.42 -5.78
C ASP B 188 -6.66 14.90 -4.91
N LEU B 189 -5.74 14.00 -4.56
CA LEU B 189 -4.75 14.20 -3.47
C LEU B 189 -3.42 14.75 -4.02
N PHE B 190 -2.67 15.50 -3.20
CA PHE B 190 -1.19 15.61 -3.34
C PHE B 190 -0.58 14.20 -3.26
N ASP B 191 0.64 13.98 -3.79
CA ASP B 191 1.32 12.66 -3.77
C ASP B 191 2.06 12.48 -2.44
N SER B 192 2.62 13.54 -1.89
CA SER B 192 3.36 13.47 -0.61
C SER B 192 3.27 14.82 0.10
N VAL B 193 3.83 14.89 1.31
CA VAL B 193 3.98 16.21 1.99
C VAL B 193 5.44 16.40 2.40
N THR B 194 5.78 17.63 2.74
CA THR B 194 7.15 18.02 3.11
C THR B 194 7.12 18.91 4.36
N ASN B 195 8.28 19.21 4.93
CA ASN B 195 8.36 20.18 6.05
C ASN B 195 8.23 21.61 5.49
N ASN B 196 8.67 21.86 4.25
CA ASN B 196 8.84 23.24 3.72
C ASN B 196 8.89 23.18 2.18
N THR B 197 7.89 23.72 1.46
CA THR B 197 7.79 23.52 0.00
C THR B 197 8.90 24.30 -0.73
N ARG B 198 9.47 25.33 -0.10
CA ARG B 198 10.50 26.21 -0.73
C ARG B 198 11.91 25.58 -0.57
N SER B 199 12.20 24.96 0.59
CA SER B 199 13.46 24.21 0.88
C SER B 199 13.14 22.85 1.50
N PRO B 200 12.73 21.84 0.71
CA PRO B 200 12.34 20.56 1.30
C PRO B 200 13.53 19.84 1.94
N LYS B 201 13.37 19.36 3.17
CA LYS B 201 14.38 18.50 3.82
C LYS B 201 13.79 17.15 4.23
N LEU B 202 12.46 16.99 4.25
CA LEU B 202 11.80 15.71 4.59
C LEU B 202 10.63 15.51 3.64
N PHE B 203 10.32 14.27 3.33
CA PHE B 203 9.08 13.90 2.62
C PHE B 203 8.39 12.79 3.41
N VAL B 204 7.06 12.81 3.44
CA VAL B 204 6.22 11.78 4.11
C VAL B 204 5.37 11.16 3.01
N VAL B 205 5.32 9.85 2.94
CA VAL B 205 4.42 9.14 1.99
C VAL B 205 3.49 8.25 2.81
N PHE B 206 2.27 8.06 2.29
CA PHE B 206 1.16 7.49 3.08
C PHE B 206 0.63 6.23 2.40
N PHE B 207 1.25 5.78 1.31
CA PHE B 207 0.82 4.53 0.59
C PHE B 207 1.96 3.51 0.47
N ASP B 208 1.56 2.24 0.34
CA ASP B 208 2.48 1.11 0.02
C ASP B 208 3.04 1.26 -1.41
N ASN B 209 4.30 0.84 -1.63
CA ASN B 209 4.91 0.72 -2.97
C ASN B 209 5.07 2.12 -3.60
N GLN B 210 5.21 3.16 -2.79
CA GLN B 210 5.47 4.55 -3.25
C GLN B 210 6.96 4.88 -3.05
N ALA B 211 7.68 3.97 -2.40
CA ALA B 211 9.13 4.06 -2.08
C ALA B 211 9.76 2.68 -2.34
N TYR B 212 10.82 2.61 -3.15
CA TYR B 212 11.58 1.36 -3.37
C TYR B 212 12.92 1.46 -2.63
N PRO B 213 13.22 0.57 -1.67
CA PRO B 213 14.52 0.58 -0.99
C PRO B 213 15.59 0.06 -1.96
N GLU B 214 16.45 0.95 -2.50
CA GLU B 214 17.38 0.61 -3.61
C GLU B 214 18.75 0.12 -3.08
N TYR B 215 19.31 0.77 -2.07
CA TYR B 215 20.62 0.44 -1.47
C TYR B 215 20.52 0.49 0.05
N LEU B 216 21.26 -0.40 0.68
CA LEU B 216 21.42 -0.44 2.15
C LEU B 216 22.86 -0.05 2.47
N ILE B 217 23.05 1.04 3.20
CA ILE B 217 24.38 1.51 3.63
C ILE B 217 24.58 1.04 5.06
N THR B 218 25.62 0.26 5.35
CA THR B 218 26.02 -0.14 6.72
C THR B 218 27.22 0.75 7.05
N PHE B 219 27.24 1.34 8.25
CA PHE B 219 28.27 2.35 8.59
C PHE B 219 28.43 2.45 10.10
N THR B 220 29.46 3.18 10.48
CA THR B 220 29.93 3.25 11.89
C THR B 220 30.61 4.60 12.09
N ALA B 221 30.83 4.95 13.35
CA ALA B 221 31.60 6.15 13.76
C ALA B 221 33.09 5.79 13.69
C4 I1B C . -15.55 -3.81 10.43
C5 I1B C . -15.16 -2.40 10.07
C6 I1B C . -16.28 -4.64 9.55
C7 I1B C . -16.64 -5.93 9.96
C8 I1B C . -16.23 -6.44 11.18
C9 I1B C . -17.60 -5.37 7.78
C10 I1B C . -17.00 -3.30 7.41
N1 I1B C . -18.15 -5.02 6.65
N2 I1B C . -17.75 -3.70 6.42
C3 I1B C . -15.14 -4.35 11.65
N3 I1B C . -16.86 -4.34 8.29
C1 I1B C . -15.05 -6.21 13.40
C2 I1B C . -15.48 -5.65 12.05
S1 I1B C . -17.59 -6.81 8.75
S DMS D . 14.29 9.13 8.47
O DMS D . 15.75 8.84 8.24
C1 DMS D . 14.17 10.50 9.57
C2 DMS D . 13.68 7.83 9.53
#